data_3PHX
#
_entry.id   3PHX
#
_cell.length_a   41.520
_cell.length_b   37.100
_cell.length_c   84.350
_cell.angle_alpha   90.00
_cell.angle_beta   94.24
_cell.angle_gamma   90.00
#
_symmetry.space_group_name_H-M   'P 1 21 1'
#
loop_
_entity.id
_entity.type
_entity.pdbx_description
1 polymer 'RNA-directed RNA polymerase L'
2 polymer 'Ubiquitin-like protein ISG15'
3 non-polymer 'ZINC ION'
4 non-polymer 'ACETIC ACID'
5 non-polymer ETHANAMINE
6 water water
#
loop_
_entity_poly.entity_id
_entity_poly.type
_entity_poly.pdbx_seq_one_letter_code
_entity_poly.pdbx_strand_id
1 'polypeptide(L)'
;GPMDFLRSLDWTQVIAGQYVSNPRFNISDYFEIVRQPGDGNCFYHSIAELTMPNKTDHSYHYIKRLTESAARKYYQEEPE
ARLVGLSLEDYLKRMLSDNEWGSTLEASMLAKEMGITIIIWTVAASDEVEAGIKFGDGDVFTAVNLLHSGQTHFDALRIL
PQFETDTREALSLMDRVIAVDQLTS
;
A
2 'polypeptide(L)' MDEPLSILVRNNKGRSSTYEVRLTQTVAHLKQQVSGLEGVQDDLFWLTFEGKPLEDQLPLGEYGLKPLSTVFMNLRLRG B
#
# COMPACT_ATOMS: atom_id res chain seq x y z
N GLY A 1 -6.01 10.68 -26.69
CA GLY A 1 -5.13 10.19 -27.72
C GLY A 1 -5.07 8.68 -27.76
N PRO A 2 -4.62 8.12 -28.91
CA PRO A 2 -4.45 6.67 -28.91
C PRO A 2 -3.24 6.25 -28.05
N MET A 3 -3.48 5.17 -27.32
CA MET A 3 -2.41 4.44 -26.71
C MET A 3 -1.71 5.21 -25.54
N ASP A 4 -2.41 6.18 -24.94
CA ASP A 4 -1.78 7.01 -23.91
C ASP A 4 -2.52 7.00 -22.58
N PHE A 5 -3.33 5.97 -22.37
CA PHE A 5 -4.08 5.78 -21.10
C PHE A 5 -3.19 5.96 -19.86
N LEU A 6 -2.00 5.37 -19.90
CA LEU A 6 -1.12 5.41 -18.72
C LEU A 6 -0.63 6.81 -18.38
N ARG A 7 -0.69 7.72 -19.34
CA ARG A 7 -0.24 9.10 -19.11
C ARG A 7 -1.22 9.91 -18.30
N SER A 8 -2.44 9.39 -18.11
CA SER A 8 -3.47 10.17 -17.41
C SER A 8 -4.02 9.52 -16.14
N LEU A 9 -3.19 8.73 -15.47
CA LEU A 9 -3.61 8.16 -14.16
C LEU A 9 -3.82 9.29 -13.15
N ASP A 10 -4.94 9.20 -12.43
CA ASP A 10 -5.28 10.18 -11.38
C ASP A 10 -5.02 9.65 -10.00
N TRP A 11 -4.06 10.27 -9.34
CA TRP A 11 -3.60 9.85 -8.00
C TRP A 11 -4.14 10.80 -6.95
N THR A 12 -4.81 10.24 -5.93
CA THR A 12 -5.33 11.02 -4.79
C THR A 12 -4.39 10.82 -3.61
N GLN A 13 -4.00 11.94 -2.96
CA GLN A 13 -3.15 11.88 -1.78
C GLN A 13 -3.80 11.17 -0.59
N VAL A 14 -3.05 10.24 0.00
CA VAL A 14 -3.47 9.52 1.22
C VAL A 14 -2.76 10.22 2.39
N ILE A 15 -1.43 10.22 2.35
CA ILE A 15 -0.62 11.09 3.20
C ILE A 15 0.46 11.60 2.30
N ALA A 16 1.27 12.54 2.77
CA ALA A 16 2.35 13.05 1.91
C ALA A 16 3.20 11.88 1.40
N GLY A 17 3.34 11.75 0.07
CA GLY A 17 4.13 10.67 -0.47
C GLY A 17 3.45 9.32 -0.68
N GLN A 18 2.18 9.19 -0.33
CA GLN A 18 1.47 7.97 -0.63
C GLN A 18 0.18 8.33 -1.33
N TYR A 19 -0.19 7.60 -2.38
CA TYR A 19 -1.36 7.98 -3.16
C TYR A 19 -2.15 6.78 -3.55
N VAL A 20 -3.41 6.99 -3.93
CA VAL A 20 -4.21 5.89 -4.45
C VAL A 20 -4.84 6.27 -5.77
N SER A 21 -5.02 5.28 -6.62
N SER A 21 -5.06 5.27 -6.60
CA SER A 21 -5.81 5.49 -7.84
CA SER A 21 -5.82 5.50 -7.84
C SER A 21 -6.80 4.34 -8.00
C SER A 21 -6.72 4.31 -8.13
N ASN A 22 -7.86 4.56 -8.78
CA ASN A 22 -8.81 3.48 -9.13
C ASN A 22 -9.15 3.47 -10.62
N PRO A 23 -8.12 3.29 -11.46
CA PRO A 23 -8.37 3.21 -12.90
C PRO A 23 -9.02 1.89 -13.20
N ARG A 24 -9.76 1.83 -14.29
CA ARG A 24 -10.38 0.58 -14.68
C ARG A 24 -9.66 0.03 -15.91
N PHE A 25 -8.92 -1.05 -15.72
CA PHE A 25 -8.24 -1.70 -16.83
C PHE A 25 -7.80 -3.07 -16.40
N ASN A 26 -7.48 -3.93 -17.35
CA ASN A 26 -6.88 -5.21 -17.06
C ASN A 26 -5.38 -5.07 -17.13
N ILE A 27 -4.70 -5.63 -16.12
CA ILE A 27 -3.27 -5.46 -16.02
C ILE A 27 -2.58 -5.85 -17.32
N SER A 28 -3.01 -6.96 -17.94
CA SER A 28 -2.25 -7.54 -19.06
C SER A 28 -2.47 -6.77 -20.35
N ASP A 29 -3.36 -5.78 -20.30
CA ASP A 29 -3.57 -4.93 -21.48
C ASP A 29 -2.47 -3.89 -21.57
N TYR A 30 -1.82 -3.59 -20.43
CA TYR A 30 -0.81 -2.52 -20.40
C TYR A 30 0.55 -2.98 -19.90
N PHE A 31 0.59 -4.15 -19.23
CA PHE A 31 1.82 -4.63 -18.62
C PHE A 31 2.10 -6.07 -18.99
N GLU A 32 3.39 -6.36 -19.09
CA GLU A 32 3.90 -7.71 -19.07
C GLU A 32 3.96 -8.14 -17.61
N ILE A 33 3.46 -9.33 -17.28
CA ILE A 33 3.64 -9.85 -15.93
C ILE A 33 4.91 -10.69 -15.87
N VAL A 34 5.87 -10.27 -15.05
CA VAL A 34 7.13 -10.99 -14.92
C VAL A 34 7.01 -11.82 -13.64
N ARG A 35 6.64 -13.08 -13.84
CA ARG A 35 6.33 -13.99 -12.76
C ARG A 35 7.53 -14.24 -11.86
N GLN A 36 7.30 -14.23 -10.56
CA GLN A 36 8.35 -14.36 -9.59
C GLN A 36 8.22 -15.68 -8.88
N PRO A 37 9.30 -16.14 -8.26
CA PRO A 37 9.20 -17.37 -7.45
C PRO A 37 8.06 -17.29 -6.42
N GLY A 38 7.31 -18.38 -6.23
CA GLY A 38 6.20 -18.43 -5.29
C GLY A 38 6.59 -18.45 -3.83
N ASP A 39 7.89 -18.53 -3.55
CA ASP A 39 8.32 -18.60 -2.15
C ASP A 39 8.00 -17.30 -1.41
N GLY A 40 8.22 -17.31 -0.10
CA GLY A 40 7.85 -16.18 0.74
C GLY A 40 8.61 -14.90 0.49
N ASN A 41 9.64 -14.94 -0.36
CA ASN A 41 10.39 -13.73 -0.67
C ASN A 41 9.91 -12.99 -1.91
N CYS A 42 8.76 -13.37 -2.44
CA CYS A 42 8.30 -12.82 -3.74
C CYS A 42 8.25 -11.28 -3.79
N PHE A 43 7.91 -10.60 -2.69
CA PHE A 43 7.88 -9.14 -2.71
C PHE A 43 9.28 -8.61 -3.05
N TYR A 44 10.30 -9.12 -2.37
CA TYR A 44 11.64 -8.62 -2.60
C TYR A 44 12.22 -9.10 -3.93
N HIS A 45 11.84 -10.30 -4.35
CA HIS A 45 12.21 -10.80 -5.70
C HIS A 45 11.69 -9.78 -6.74
N SER A 46 10.44 -9.35 -6.57
CA SER A 46 9.81 -8.44 -7.53
C SER A 46 10.52 -7.08 -7.58
N ILE A 47 10.85 -6.53 -6.41
CA ILE A 47 11.58 -5.29 -6.39
C ILE A 47 12.93 -5.43 -7.07
N ALA A 48 13.62 -6.52 -6.74
CA ALA A 48 14.94 -6.75 -7.33
C ALA A 48 14.86 -6.86 -8.87
N GLU A 49 13.81 -7.53 -9.34
CA GLU A 49 13.63 -7.73 -10.76
C GLU A 49 13.63 -6.38 -11.47
N LEU A 50 12.99 -5.39 -10.85
CA LEU A 50 12.74 -4.13 -11.52
C LEU A 50 13.78 -3.04 -11.21
N THR A 51 14.69 -3.29 -10.26
CA THR A 51 15.68 -2.27 -9.86
C THR A 51 17.13 -2.69 -10.04
N MET A 52 17.38 -3.98 -10.21
CA MET A 52 18.75 -4.51 -10.27
C MET A 52 19.04 -5.15 -11.62
N PRO A 53 19.71 -4.42 -12.50
CA PRO A 53 19.94 -4.97 -13.86
C PRO A 53 20.79 -6.23 -13.90
N ASN A 54 20.44 -7.14 -14.81
CA ASN A 54 21.11 -8.45 -14.90
C ASN A 54 21.33 -9.16 -13.56
N LYS A 55 20.31 -9.11 -12.70
CA LYS A 55 20.37 -9.69 -11.36
C LYS A 55 20.67 -11.20 -11.30
N THR A 56 20.93 -11.69 -10.11
CA THR A 56 21.17 -13.12 -9.84
C THR A 56 19.92 -13.70 -9.19
N ASP A 57 19.88 -15.01 -8.97
CA ASP A 57 18.69 -15.68 -8.47
C ASP A 57 18.19 -15.14 -7.15
N HIS A 58 19.12 -14.73 -6.31
CA HIS A 58 18.78 -14.22 -4.99
C HIS A 58 19.33 -12.81 -4.79
N SER A 59 19.25 -11.97 -5.81
CA SER A 59 19.58 -10.55 -5.65
C SER A 59 18.68 -9.86 -4.62
N TYR A 60 17.52 -10.47 -4.31
CA TYR A 60 16.64 -9.89 -3.32
C TYR A 60 17.29 -9.69 -1.96
N HIS A 61 18.33 -10.45 -1.63
CA HIS A 61 19.00 -10.18 -0.34
C HIS A 61 19.47 -8.73 -0.23
N TYR A 62 19.94 -8.12 -1.34
CA TYR A 62 20.36 -6.75 -1.29
C TYR A 62 19.17 -5.85 -0.95
N ILE A 63 18.02 -6.13 -1.56
CA ILE A 63 16.82 -5.32 -1.27
C ILE A 63 16.45 -5.46 0.20
N LYS A 64 16.56 -6.66 0.75
CA LYS A 64 16.24 -6.83 2.19
C LYS A 64 17.25 -6.12 3.06
N ARG A 65 18.52 -6.08 2.64
CA ARG A 65 19.49 -5.23 3.34
C ARG A 65 19.13 -3.74 3.33
N LEU A 66 18.63 -3.28 2.17
CA LEU A 66 18.20 -1.91 2.07
C LEU A 66 16.97 -1.66 2.94
N THR A 67 16.14 -2.68 3.07
CA THR A 67 14.94 -2.59 3.92
C THR A 67 15.33 -2.44 5.38
N GLU A 68 16.37 -3.15 5.78
CA GLU A 68 16.88 -3.03 7.14
C GLU A 68 17.37 -1.59 7.40
N SER A 69 18.17 -1.08 6.48
CA SER A 69 18.73 0.25 6.61
C SER A 69 17.59 1.30 6.67
N ALA A 70 16.62 1.10 5.77
CA ALA A 70 15.44 1.98 5.71
C ALA A 70 14.69 1.93 7.04
N ALA A 71 14.47 0.72 7.56
CA ALA A 71 13.67 0.55 8.80
C ALA A 71 14.36 1.25 9.97
N ARG A 72 15.68 1.19 10.04
CA ARG A 72 16.38 1.85 11.15
C ARG A 72 16.13 3.37 11.16
N LYS A 73 15.91 3.95 9.98
CA LYS A 73 15.61 5.36 9.87
C LYS A 73 14.12 5.69 10.00
N TYR A 74 13.26 4.85 9.43
CA TYR A 74 11.88 5.26 9.16
C TYR A 74 10.82 4.44 9.91
N TYR A 75 11.15 3.22 10.37
CA TYR A 75 10.12 2.32 10.88
C TYR A 75 9.25 2.97 12.00
N GLN A 76 9.88 3.63 12.95
CA GLN A 76 9.09 4.18 14.08
C GLN A 76 8.05 5.23 13.65
N GLU A 77 8.27 5.90 12.52
CA GLU A 77 7.34 6.94 12.03
C GLU A 77 6.37 6.46 10.95
N GLU A 78 6.48 5.19 10.53
CA GLU A 78 5.55 4.65 9.51
C GLU A 78 4.19 4.34 10.13
N PRO A 79 3.11 4.86 9.54
CA PRO A 79 1.79 4.52 10.08
C PRO A 79 1.53 3.01 10.08
N GLU A 80 2.02 2.28 9.11
CA GLU A 80 1.79 0.82 9.11
C GLU A 80 2.62 0.13 10.16
N ALA A 81 3.67 0.77 10.65
CA ALA A 81 4.44 0.14 11.77
C ALA A 81 3.51 -0.18 12.93
N ARG A 82 2.54 0.69 13.16
CA ARG A 82 1.64 0.50 14.29
C ARG A 82 0.80 -0.77 14.16
N LEU A 83 0.54 -1.19 12.93
CA LEU A 83 -0.24 -2.40 12.68
C LEU A 83 0.60 -3.65 12.95
N VAL A 84 1.91 -3.57 12.73
CA VAL A 84 2.82 -4.69 12.94
C VAL A 84 2.95 -4.94 14.43
N GLY A 85 3.15 -3.87 15.16
CA GLY A 85 3.09 -3.94 16.61
C GLY A 85 4.36 -4.45 17.28
N LEU A 86 5.48 -4.44 16.56
CA LEU A 86 6.74 -4.92 17.10
C LEU A 86 7.72 -3.76 17.32
N SER A 87 8.65 -3.93 18.26
CA SER A 87 9.76 -3.00 18.40
C SER A 87 10.58 -3.08 17.12
N LEU A 88 11.42 -2.06 16.88
CA LEU A 88 12.28 -2.08 15.70
C LEU A 88 13.12 -3.35 15.67
N GLU A 89 13.67 -3.76 16.81
CA GLU A 89 14.61 -4.91 16.82
C GLU A 89 13.88 -6.21 16.51
N ASP A 90 12.68 -6.38 17.08
CA ASP A 90 11.86 -7.54 16.79
C ASP A 90 11.31 -7.55 15.36
N TYR A 91 10.97 -6.37 14.85
CA TYR A 91 10.57 -6.22 13.45
C TYR A 91 11.69 -6.67 12.53
N LEU A 92 12.91 -6.23 12.82
CA LEU A 92 14.04 -6.54 11.93
C LEU A 92 14.34 -8.04 11.92
N LYS A 93 14.28 -8.67 13.10
CA LYS A 93 14.50 -10.13 13.19
C LYS A 93 13.47 -10.88 12.36
N ARG A 94 12.21 -10.44 12.44
CA ARG A 94 11.15 -11.07 11.65
C ARG A 94 11.34 -10.76 10.16
N MET A 95 11.45 -9.47 9.82
CA MET A 95 11.56 -9.09 8.42
C MET A 95 12.70 -9.78 7.67
N LEU A 96 13.85 -9.90 8.32
CA LEU A 96 15.04 -10.49 7.68
C LEU A 96 15.03 -12.01 7.61
N SER A 97 14.04 -12.65 8.20
CA SER A 97 13.92 -14.10 8.14
C SER A 97 13.59 -14.55 6.73
N ASP A 98 14.15 -15.67 6.31
CA ASP A 98 13.86 -16.21 4.98
C ASP A 98 12.36 -16.50 4.89
N ASN A 99 11.75 -16.12 3.76
CA ASN A 99 10.36 -16.39 3.46
C ASN A 99 9.35 -15.55 4.21
N GLU A 100 9.81 -14.53 4.95
CA GLU A 100 8.85 -13.67 5.64
C GLU A 100 8.29 -12.66 4.64
N TRP A 101 6.97 -12.61 4.53
CA TRP A 101 6.31 -11.83 3.46
C TRP A 101 6.61 -10.35 3.61
N GLY A 102 6.94 -9.69 2.49
CA GLY A 102 7.05 -8.24 2.43
C GLY A 102 5.67 -7.66 2.21
N SER A 103 5.60 -6.35 2.20
CA SER A 103 4.32 -5.67 2.26
C SER A 103 4.44 -4.21 1.88
N THR A 104 3.30 -3.55 1.87
CA THR A 104 3.21 -2.11 1.71
C THR A 104 4.10 -1.31 2.69
N LEU A 105 4.37 -1.85 3.87
CA LEU A 105 5.22 -1.15 4.82
C LEU A 105 6.65 -1.10 4.31
N GLU A 106 7.14 -2.24 3.80
CA GLU A 106 8.47 -2.22 3.22
C GLU A 106 8.52 -1.41 1.94
N ALA A 107 7.42 -1.39 1.18
CA ALA A 107 7.41 -0.56 -0.03
C ALA A 107 7.56 0.94 0.38
N SER A 108 6.81 1.35 1.39
CA SER A 108 6.85 2.72 1.88
C SER A 108 8.28 3.12 2.29
N MET A 109 8.92 2.23 3.04
CA MET A 109 10.27 2.51 3.55
C MET A 109 11.36 2.47 2.43
N LEU A 110 11.19 1.53 1.50
CA LEU A 110 12.15 1.40 0.42
C LEU A 110 12.07 2.57 -0.56
N ALA A 111 10.87 3.10 -0.76
CA ALA A 111 10.70 4.28 -1.61
C ALA A 111 11.51 5.43 -1.04
N LYS A 112 11.49 5.59 0.27
CA LYS A 112 12.29 6.63 0.92
C LYS A 112 13.79 6.35 0.81
N GLU A 113 14.17 5.12 1.11
CA GLU A 113 15.59 4.73 1.21
C GLU A 113 16.28 4.75 -0.15
N MET A 114 15.58 4.26 -1.18
CA MET A 114 16.19 4.13 -2.52
C MET A 114 15.89 5.32 -3.41
N GLY A 115 14.93 6.15 -3.00
CA GLY A 115 14.48 7.28 -3.82
C GLY A 115 13.65 6.88 -5.01
N ILE A 116 13.17 5.65 -5.03
CA ILE A 116 12.35 5.14 -6.12
C ILE A 116 10.87 5.39 -5.80
N THR A 117 10.02 5.21 -6.80
CA THR A 117 8.57 5.21 -6.62
C THR A 117 8.09 3.81 -6.87
N ILE A 118 7.24 3.28 -5.97
CA ILE A 118 6.72 1.94 -6.11
C ILE A 118 5.22 2.01 -6.19
N ILE A 119 4.63 1.32 -7.17
CA ILE A 119 3.20 1.24 -7.26
C ILE A 119 2.82 -0.22 -7.07
N ILE A 120 1.88 -0.48 -6.16
CA ILE A 120 1.35 -1.83 -6.02
C ILE A 120 -0.07 -1.82 -6.60
N TRP A 121 -0.25 -2.57 -7.70
CA TRP A 121 -1.55 -2.75 -8.31
C TRP A 121 -2.18 -3.98 -7.72
N THR A 122 -3.39 -3.82 -7.23
CA THR A 122 -4.04 -4.94 -6.62
C THR A 122 -5.22 -5.35 -7.50
N VAL A 123 -5.37 -6.68 -7.65
CA VAL A 123 -6.41 -7.27 -8.47
C VAL A 123 -7.15 -8.35 -7.66
N SER A 126 -9.28 -12.45 -11.57
CA SER A 126 -9.06 -11.82 -12.86
C SER A 126 -7.77 -11.00 -12.79
N ASP A 127 -7.46 -10.28 -13.86
CA ASP A 127 -6.46 -9.24 -13.74
C ASP A 127 -7.10 -7.85 -13.83
N GLU A 128 -8.36 -7.73 -13.40
CA GLU A 128 -9.03 -6.44 -13.38
C GLU A 128 -8.54 -5.64 -12.19
N VAL A 129 -7.99 -4.46 -12.46
CA VAL A 129 -7.42 -3.62 -11.40
C VAL A 129 -8.52 -3.14 -10.45
N GLU A 130 -8.26 -3.29 -9.15
CA GLU A 130 -9.12 -2.67 -8.14
C GLU A 130 -8.56 -1.28 -7.71
N ALA A 131 -7.25 -1.21 -7.47
CA ALA A 131 -6.62 0.02 -7.06
C ALA A 131 -5.14 -0.05 -7.38
N GLY A 132 -4.54 1.11 -7.50
CA GLY A 132 -3.10 1.25 -7.43
C GLY A 132 -2.75 2.06 -6.20
N ILE A 133 -1.74 1.60 -5.46
CA ILE A 133 -1.28 2.34 -4.31
C ILE A 133 0.18 2.74 -4.60
N LYS A 134 0.48 4.03 -4.51
CA LYS A 134 1.77 4.53 -4.95
C LYS A 134 2.55 5.10 -3.78
N PHE A 135 3.82 4.70 -3.66
CA PHE A 135 4.73 5.21 -2.65
C PHE A 135 5.81 5.96 -3.37
N GLY A 136 5.87 7.27 -3.13
CA GLY A 136 6.80 8.15 -3.85
C GLY A 136 6.04 9.02 -4.82
N ASP A 137 6.71 10.01 -5.36
CA ASP A 137 6.07 11.06 -6.16
C ASP A 137 6.25 10.91 -7.68
N GLY A 138 6.92 9.86 -8.12
CA GLY A 138 7.15 9.64 -9.54
C GLY A 138 5.92 9.13 -10.25
N ASP A 139 5.98 9.06 -11.57
CA ASP A 139 4.86 8.53 -12.31
C ASP A 139 5.09 7.08 -12.67
N VAL A 140 4.09 6.50 -13.32
CA VAL A 140 4.04 5.07 -13.60
C VAL A 140 5.18 4.65 -14.52
N PHE A 141 5.66 5.58 -15.34
CA PHE A 141 6.69 5.24 -16.35
C PHE A 141 8.09 5.03 -15.78
N THR A 142 8.41 5.62 -14.62
CA THR A 142 9.67 5.25 -13.96
C THR A 142 9.40 4.52 -12.63
N ALA A 143 8.15 4.21 -12.37
CA ALA A 143 7.84 3.47 -11.14
C ALA A 143 8.25 2.00 -11.21
N VAL A 144 8.46 1.42 -10.03
CA VAL A 144 8.59 -0.04 -9.85
C VAL A 144 7.16 -0.55 -9.67
N ASN A 145 6.59 -1.14 -10.72
CA ASN A 145 5.20 -1.58 -10.71
C ASN A 145 5.11 -3.03 -10.26
N LEU A 146 4.35 -3.26 -9.18
CA LEU A 146 4.18 -4.61 -8.63
C LEU A 146 2.75 -5.01 -8.79
N LEU A 147 2.53 -6.31 -8.98
CA LEU A 147 1.17 -6.86 -8.99
C LEU A 147 0.95 -7.67 -7.71
N HIS A 148 -0.10 -7.29 -6.98
CA HIS A 148 -0.51 -8.02 -5.78
C HIS A 148 -1.77 -8.77 -6.15
N SER A 149 -1.73 -10.12 -6.08
CA SER A 149 -2.91 -10.90 -6.44
C SER A 149 -3.21 -12.01 -5.41
N GLY A 150 -4.46 -12.48 -5.44
CA GLY A 150 -4.92 -13.50 -4.52
C GLY A 150 -4.75 -13.12 -3.08
N GLN A 151 -4.61 -11.82 -2.82
CA GLN A 151 -4.39 -11.33 -1.45
C GLN A 151 -3.08 -11.77 -0.81
N THR A 152 -2.26 -12.54 -1.52
CA THR A 152 -1.11 -13.17 -0.88
C THR A 152 0.15 -13.30 -1.75
N HIS A 153 0.20 -12.64 -2.90
CA HIS A 153 1.27 -12.94 -3.87
C HIS A 153 1.69 -11.66 -4.63
N PHE A 154 3.01 -11.50 -4.85
CA PHE A 154 3.54 -10.40 -5.64
C PHE A 154 4.25 -10.90 -6.88
N ASP A 155 4.04 -10.18 -8.00
CA ASP A 155 4.89 -10.33 -9.20
C ASP A 155 5.36 -8.96 -9.61
N ALA A 156 6.35 -8.94 -10.50
CA ALA A 156 6.81 -7.70 -11.09
C ALA A 156 6.04 -7.42 -12.37
N LEU A 157 5.88 -6.12 -12.72
CA LEU A 157 5.23 -5.74 -13.99
C LEU A 157 6.16 -4.83 -14.80
N ARG A 158 6.11 -4.98 -16.12
CA ARG A 158 6.82 -4.05 -17.01
C ARG A 158 5.82 -3.50 -18.02
N ILE A 159 5.82 -2.18 -18.18
CA ILE A 159 4.96 -1.58 -19.18
C ILE A 159 5.28 -2.18 -20.57
N LEU A 160 4.22 -2.52 -21.30
CA LEU A 160 4.39 -3.11 -22.64
C LEU A 160 4.97 -2.03 -23.56
N PRO A 161 5.83 -2.46 -24.52
CA PRO A 161 6.64 -1.52 -25.33
C PRO A 161 5.84 -0.47 -26.09
N GLN A 162 4.66 -0.79 -26.58
CA GLN A 162 3.92 0.17 -27.40
C GLN A 162 3.46 1.36 -26.59
N PHE A 163 3.50 1.27 -25.27
CA PHE A 163 3.04 2.39 -24.43
C PHE A 163 4.22 3.24 -23.99
N GLU A 164 5.44 2.80 -24.37
CA GLU A 164 6.70 3.31 -23.83
C GLU A 164 7.11 2.59 -22.52
N GLU B 3 -23.51 13.04 20.80
CA GLU B 3 -24.56 13.07 19.77
C GLU B 3 -24.08 12.29 18.53
N PRO B 4 -24.92 11.39 18.03
CA PRO B 4 -24.50 10.56 16.88
C PRO B 4 -24.35 11.36 15.59
N LEU B 5 -23.34 11.06 14.77
CA LEU B 5 -23.31 11.59 13.41
C LEU B 5 -22.90 10.50 12.42
N SER B 6 -23.18 10.74 11.14
CA SER B 6 -22.79 9.86 10.04
C SER B 6 -21.56 10.39 9.35
N ILE B 7 -20.59 9.51 9.15
CA ILE B 7 -19.43 9.81 8.34
C ILE B 7 -19.29 8.76 7.25
N LEU B 8 -18.39 9.02 6.31
CA LEU B 8 -18.16 8.05 5.21
C LEU B 8 -16.76 7.47 5.37
N VAL B 9 -16.61 6.18 5.13
CA VAL B 9 -15.28 5.58 5.00
C VAL B 9 -15.15 4.92 3.64
N ARG B 10 -14.11 5.33 2.90
CA ARG B 10 -13.90 4.90 1.50
C ARG B 10 -12.92 3.73 1.47
N ASN B 11 -13.31 2.65 0.81
CA ASN B 11 -12.42 1.49 0.78
C ASN B 11 -11.45 1.51 -0.44
N ASN B 12 -10.66 0.45 -0.54
CA ASN B 12 -9.61 0.29 -1.59
C ASN B 12 -10.16 0.41 -3.00
N LYS B 13 -11.36 -0.13 -3.21
CA LYS B 13 -12.00 -0.08 -4.53
C LYS B 13 -12.57 1.28 -4.86
N GLY B 14 -12.62 2.18 -3.87
CA GLY B 14 -13.17 3.53 -4.02
C GLY B 14 -14.64 3.66 -3.63
N ARG B 15 -15.19 2.64 -2.97
CA ARG B 15 -16.60 2.66 -2.55
C ARG B 15 -16.69 3.23 -1.14
N SER B 16 -17.50 4.28 -0.94
CA SER B 16 -17.75 4.81 0.42
C SER B 16 -18.99 4.18 1.06
N SER B 17 -18.87 3.84 2.34
CA SER B 17 -20.02 3.38 3.11
C SER B 17 -20.26 4.34 4.27
N THR B 18 -21.50 4.42 4.74
CA THR B 18 -21.86 5.31 5.83
C THR B 18 -21.78 4.61 7.19
N TYR B 19 -21.27 5.32 8.20
CA TYR B 19 -21.17 4.80 9.56
C TYR B 19 -21.72 5.81 10.53
N GLU B 20 -22.53 5.34 11.48
CA GLU B 20 -22.95 6.17 12.61
C GLU B 20 -21.85 6.07 13.68
N VAL B 21 -21.33 7.20 14.12
CA VAL B 21 -20.26 7.30 15.11
C VAL B 21 -20.59 8.39 16.13
N ARG B 22 -19.81 8.43 17.21
CA ARG B 22 -19.83 9.55 18.15
C ARG B 22 -18.40 10.10 18.21
N LEU B 23 -18.25 11.42 18.38
CA LEU B 23 -16.90 11.98 18.35
C LEU B 23 -16.11 11.57 19.55
N THR B 24 -16.79 11.06 20.57
CA THR B 24 -16.06 10.57 21.74
C THR B 24 -15.46 9.16 21.57
N GLN B 25 -15.91 8.42 20.56
CA GLN B 25 -15.38 7.05 20.37
C GLN B 25 -13.98 7.12 19.76
N THR B 26 -13.22 6.06 19.95
CA THR B 26 -11.86 6.05 19.43
C THR B 26 -11.76 5.70 17.94
N VAL B 27 -10.63 6.05 17.36
CA VAL B 27 -10.31 5.63 16.00
C VAL B 27 -10.32 4.09 15.94
N ALA B 28 -9.77 3.46 16.97
CA ALA B 28 -9.77 2.01 17.03
C ALA B 28 -11.18 1.44 16.93
N HIS B 29 -12.13 2.07 17.59
CA HIS B 29 -13.49 1.55 17.53
C HIS B 29 -14.13 1.76 16.14
N LEU B 30 -13.82 2.90 15.50
CA LEU B 30 -14.26 3.08 14.10
C LEU B 30 -13.61 1.97 13.20
N LYS B 31 -12.33 1.69 13.43
CA LYS B 31 -11.70 0.59 12.69
C LYS B 31 -12.44 -0.75 12.91
N GLN B 32 -12.94 -0.99 14.12
CA GLN B 32 -13.73 -2.23 14.34
C GLN B 32 -15.03 -2.25 13.55
N GLN B 33 -15.69 -1.10 13.42
CA GLN B 33 -16.90 -1.02 12.59
C GLN B 33 -16.56 -1.25 11.12
N VAL B 34 -15.50 -0.61 10.66
CA VAL B 34 -15.07 -0.74 9.25
C VAL B 34 -14.65 -2.18 8.99
N SER B 35 -13.93 -2.79 9.95
CA SER B 35 -13.55 -4.21 9.83
C SER B 35 -14.76 -5.13 9.65
N GLY B 36 -15.82 -4.86 10.41
CA GLY B 36 -17.04 -5.66 10.26
C GLY B 36 -17.75 -5.46 8.92
N LEU B 37 -17.88 -4.21 8.51
CA LEU B 37 -18.55 -3.91 7.21
C LEU B 37 -17.75 -4.43 6.01
N GLU B 38 -16.44 -4.16 6.01
CA GLU B 38 -15.59 -4.50 4.84
C GLU B 38 -15.02 -5.93 4.89
N GLY B 39 -15.08 -6.60 6.05
CA GLY B 39 -14.60 -7.99 6.14
C GLY B 39 -13.08 -8.08 6.06
N VAL B 40 -12.39 -7.08 6.62
CA VAL B 40 -10.94 -7.08 6.62
C VAL B 40 -10.49 -6.89 8.07
N GLN B 41 -9.49 -7.66 8.52
CA GLN B 41 -9.01 -7.55 9.91
C GLN B 41 -8.50 -6.13 10.20
N ASP B 42 -8.76 -5.66 11.42
CA ASP B 42 -8.40 -4.28 11.75
C ASP B 42 -6.89 -4.04 11.89
N ASP B 43 -6.08 -5.11 11.90
CA ASP B 43 -4.63 -4.92 11.82
C ASP B 43 -4.10 -5.00 10.36
N LEU B 44 -5.04 -5.03 9.42
CA LEU B 44 -4.62 -5.04 8.02
C LEU B 44 -5.08 -3.77 7.30
N PHE B 45 -5.42 -2.72 8.03
CA PHE B 45 -5.67 -1.41 7.42
C PHE B 45 -5.48 -0.29 8.39
N TRP B 46 -5.30 0.93 7.89
CA TRP B 46 -5.21 2.09 8.73
C TRP B 46 -6.01 3.22 8.12
N LEU B 47 -6.39 4.18 8.93
CA LEU B 47 -7.29 5.24 8.46
C LEU B 47 -6.60 6.58 8.33
N THR B 48 -7.05 7.38 7.36
CA THR B 48 -6.57 8.75 7.23
C THR B 48 -7.70 9.72 7.06
N PHE B 49 -7.47 10.96 7.47
CA PHE B 49 -8.42 12.05 7.20
C PHE B 49 -7.63 13.27 6.83
N GLU B 50 -7.96 13.81 5.65
CA GLU B 50 -7.33 15.00 5.13
C GLU B 50 -5.79 14.93 5.21
N GLY B 51 -5.23 13.79 4.82
CA GLY B 51 -3.78 13.64 4.73
C GLY B 51 -3.08 13.31 6.03
N LYS B 52 -3.83 13.06 7.09
CA LYS B 52 -3.28 12.77 8.40
C LYS B 52 -3.68 11.36 8.81
N PRO B 53 -2.69 10.55 9.24
CA PRO B 53 -3.06 9.25 9.81
C PRO B 53 -3.91 9.43 11.09
N LEU B 54 -4.89 8.56 11.25
CA LEU B 54 -5.71 8.56 12.49
C LEU B 54 -5.07 7.60 13.45
N GLU B 55 -4.82 8.05 14.69
CA GLU B 55 -4.20 7.17 15.69
C GLU B 55 -5.25 6.42 16.50
N ASP B 56 -5.08 5.11 16.59
CA ASP B 56 -6.05 4.20 17.18
C ASP B 56 -6.63 4.69 18.54
N GLN B 57 -5.78 5.17 19.44
CA GLN B 57 -6.21 5.48 20.81
C GLN B 57 -6.98 6.82 20.93
N LEU B 58 -6.94 7.65 19.90
CA LEU B 58 -7.51 8.99 20.01
C LEU B 58 -8.99 8.99 19.69
N PRO B 59 -9.78 9.84 20.37
CA PRO B 59 -11.16 10.05 19.93
C PRO B 59 -11.26 10.70 18.55
N LEU B 60 -12.32 10.32 17.81
CA LEU B 60 -12.58 10.91 16.49
C LEU B 60 -12.65 12.44 16.50
N GLY B 61 -13.20 12.99 17.58
CA GLY B 61 -13.32 14.44 17.68
C GLY B 61 -12.01 15.20 17.68
N GLU B 62 -10.89 14.52 17.91
CA GLU B 62 -9.61 15.24 17.92
C GLU B 62 -9.23 15.63 16.51
N TYR B 63 -9.91 15.05 15.52
CA TYR B 63 -9.59 15.23 14.09
C TYR B 63 -10.53 16.15 13.36
N GLY B 64 -11.56 16.66 14.05
CA GLY B 64 -12.45 17.62 13.41
C GLY B 64 -13.36 17.00 12.37
N LEU B 65 -13.69 15.72 12.50
CA LEU B 65 -14.72 15.16 11.63
C LEU B 65 -16.06 15.87 11.75
N LYS B 66 -16.75 15.96 10.62
CA LYS B 66 -18.07 16.57 10.55
C LYS B 66 -19.03 15.60 9.88
N PRO B 67 -20.34 15.87 9.94
CA PRO B 67 -21.28 15.02 9.20
C PRO B 67 -20.88 14.86 7.74
N LEU B 68 -20.80 13.60 7.33
CA LEU B 68 -20.44 13.15 5.98
C LEU B 68 -19.02 13.50 5.54
N SER B 69 -18.11 13.71 6.49
CA SER B 69 -16.69 13.72 6.21
C SER B 69 -16.32 12.36 5.65
N THR B 70 -15.34 12.35 4.77
CA THR B 70 -14.83 11.11 4.24
C THR B 70 -13.48 10.79 4.83
N VAL B 71 -13.38 9.58 5.38
CA VAL B 71 -12.15 9.01 5.89
C VAL B 71 -11.73 7.93 4.91
N PHE B 72 -10.41 7.78 4.68
CA PHE B 72 -9.93 6.66 3.84
C PHE B 72 -9.57 5.42 4.67
N MET B 73 -9.93 4.25 4.17
CA MET B 73 -9.47 2.97 4.68
C MET B 73 -8.32 2.49 3.81
N ASN B 74 -7.12 2.58 4.34
CA ASN B 74 -5.91 2.26 3.56
C ASN B 74 -5.41 0.83 3.86
N LEU B 75 -5.45 -0.04 2.84
CA LEU B 75 -5.12 -1.45 3.07
C LEU B 75 -3.63 -1.64 3.29
N ARG B 76 -3.32 -2.55 4.21
CA ARG B 76 -1.99 -3.11 4.31
C ARG B 76 -2.01 -4.37 3.47
N LEU B 77 -1.09 -4.46 2.48
CA LEU B 77 -1.08 -5.61 1.57
C LEU B 77 0.19 -6.40 1.80
N ARG B 78 0.05 -7.71 2.01
CA ARG B 78 1.21 -8.56 2.26
C ARG B 78 1.23 -9.69 1.24
N GLY B 79 2.40 -10.29 1.00
CA GLY B 79 2.39 -11.40 0.08
C GLY B 79 3.76 -11.95 -0.17
#